data_7K6A
#
_entry.id   7K6A
#
_cell.length_a   28.870
_cell.length_b   66.650
_cell.length_c   44.290
_cell.angle_alpha   90.000
_cell.angle_beta   91.800
_cell.angle_gamma   90.000
#
_symmetry.space_group_name_H-M   'P 1 21 1'
#
loop_
_entity.id
_entity.type
_entity.pdbx_description
1 polymer 'Dihydrofolate reductase'
2 non-polymer 'NADP NICOTINAMIDE-ADENINE-DINUCLEOTIDE PHOSPHATE'
3 non-polymer 6-ethyl-5-[3-({3-[4-(trifluoromethyl)piperidin-1-yl]pyridin-2-yl}oxy)propoxy]pyrimidine-2,4-diamine
4 non-polymer 'CHLORIDE ION'
5 non-polymer 1,2-ETHANEDIOL
6 water water
#
_entity_poly.entity_id   1
_entity_poly.type   'polypeptide(L)'
_entity_poly.pdbx_seq_one_letter_code
;MAHHHHHHMTSVGLIWAQSTSGVIGRDGGIPWRLPEDLAHFKRLTMGHTVVMGRRTWDSLPAAHRPLPGRRNVVVTRQTG
LVAHGAQVVGSLEQALCPAEPDAATWVIGGAQIYALALPLANRCEVTEVDVDLPPEDEDALAPVLDQTWAGTSGEWLVSR
SGLRYRMHSYRRL
;
_entity_poly.pdbx_strand_id   A
#
# COMPACT_ATOMS: atom_id res chain seq x y z
N SER A 11 -9.59 11.78 5.41
CA SER A 11 -8.28 11.94 4.77
C SER A 11 -7.61 10.59 4.51
N VAL A 12 -7.55 10.23 3.23
CA VAL A 12 -7.14 8.90 2.80
C VAL A 12 -5.82 9.00 2.05
N GLY A 13 -4.86 8.17 2.44
CA GLY A 13 -3.60 8.09 1.72
C GLY A 13 -3.40 6.68 1.20
N LEU A 14 -2.69 6.57 0.08
CA LEU A 14 -2.20 5.31 -0.43
C LEU A 14 -0.70 5.21 -0.12
N ILE A 15 -0.26 3.99 0.15
CA ILE A 15 1.16 3.75 0.37
C ILE A 15 1.52 2.44 -0.32
N TRP A 16 2.58 2.47 -1.14
CA TRP A 16 3.00 1.28 -1.86
C TRP A 16 4.48 1.40 -2.18
N ALA A 17 5.07 0.25 -2.48
CA ALA A 17 6.44 0.16 -3.00
C ALA A 17 6.39 -0.49 -4.37
N GLN A 18 7.15 0.06 -5.31
CA GLN A 18 7.11 -0.43 -6.68
C GLN A 18 8.52 -0.50 -7.22
N SER A 19 8.77 -1.47 -8.09
CA SER A 19 9.97 -1.39 -8.91
C SER A 19 9.86 -0.18 -9.84
N THR A 20 11.00 0.29 -10.36
CA THR A 20 10.95 1.36 -11.35
CA THR A 20 10.95 1.36 -11.35
C THR A 20 10.06 0.97 -12.52
N SER A 21 10.05 -0.31 -12.88
CA SER A 21 9.19 -0.80 -13.97
C SER A 21 7.71 -0.79 -13.63
N GLY A 22 7.33 -0.53 -12.39
CA GLY A 22 5.93 -0.45 -12.02
C GLY A 22 5.34 -1.68 -11.38
N VAL A 23 6.15 -2.69 -11.04
CA VAL A 23 5.63 -3.92 -10.46
C VAL A 23 5.49 -3.73 -8.96
N ILE A 24 4.35 -4.15 -8.40
CA ILE A 24 4.21 -4.20 -6.94
C ILE A 24 4.02 -5.60 -6.42
N GLY A 25 3.57 -6.55 -7.23
CA GLY A 25 3.28 -7.89 -6.73
C GLY A 25 3.49 -8.96 -7.78
N ARG A 26 3.97 -10.12 -7.34
CA ARG A 26 4.15 -11.28 -8.20
C ARG A 26 4.05 -12.54 -7.35
N ASP A 27 3.36 -13.55 -7.88
CA ASP A 27 3.29 -14.86 -7.22
CA ASP A 27 3.28 -14.86 -7.22
C ASP A 27 2.78 -14.74 -5.78
N GLY A 28 1.83 -13.83 -5.57
CA GLY A 28 1.21 -13.66 -4.27
C GLY A 28 2.08 -12.99 -3.25
N GLY A 29 3.13 -12.32 -3.68
CA GLY A 29 4.00 -11.64 -2.73
C GLY A 29 4.65 -10.44 -3.37
N ILE A 30 5.69 -9.90 -2.74
CA ILE A 30 6.44 -8.74 -3.22
C ILE A 30 7.81 -9.25 -3.67
N PRO A 31 8.20 -9.03 -4.94
CA PRO A 31 9.35 -9.76 -5.49
C PRO A 31 10.71 -9.08 -5.29
N TRP A 32 10.92 -8.54 -4.10
CA TRP A 32 12.22 -8.03 -3.67
C TRP A 32 12.19 -7.95 -2.15
N ARG A 33 13.36 -7.78 -1.56
CA ARG A 33 13.49 -7.58 -0.12
C ARG A 33 14.12 -6.22 0.11
N LEU A 34 13.44 -5.36 0.86
CA LEU A 34 13.89 -3.99 1.04
C LEU A 34 13.57 -3.60 2.47
N PRO A 35 14.48 -3.88 3.41
CA PRO A 35 14.16 -3.64 4.83
C PRO A 35 13.83 -2.19 5.15
N GLU A 36 14.50 -1.25 4.47
CA GLU A 36 14.24 0.16 4.74
C GLU A 36 12.83 0.55 4.30
N ASP A 37 12.26 -0.14 3.30
CA ASP A 37 10.86 0.11 2.97
C ASP A 37 9.93 -0.44 4.04
N LEU A 38 10.21 -1.64 4.54
CA LEU A 38 9.39 -2.17 5.63
C LEU A 38 9.38 -1.21 6.81
N ALA A 39 10.54 -0.66 7.17
CA ALA A 39 10.58 0.26 8.31
C ALA A 39 9.81 1.53 8.02
N HIS A 40 9.96 2.08 6.82
CA HIS A 40 9.21 3.26 6.37
C HIS A 40 7.71 3.02 6.49
N PHE A 41 7.24 1.91 5.92
CA PHE A 41 5.83 1.52 6.01
C PHE A 41 5.37 1.37 7.45
N LYS A 42 6.18 0.69 8.29
CA LYS A 42 5.81 0.48 9.69
C LYS A 42 5.65 1.80 10.42
N ARG A 43 6.57 2.74 10.20
CA ARG A 43 6.51 4.03 10.90
CA ARG A 43 6.51 4.04 10.90
C ARG A 43 5.30 4.85 10.47
N LEU A 44 5.02 4.89 9.17
CA LEU A 44 3.93 5.73 8.69
C LEU A 44 2.58 5.21 9.15
N THR A 45 2.44 3.89 9.34
CA THR A 45 1.12 3.33 9.55
C THR A 45 0.81 2.93 10.99
N MET A 46 1.80 2.86 11.89
CA MET A 46 1.53 2.38 13.24
C MET A 46 0.50 3.29 13.92
N GLY A 47 -0.47 2.67 14.56
CA GLY A 47 -1.51 3.38 15.26
C GLY A 47 -2.67 3.82 14.40
N HIS A 48 -2.62 3.57 13.10
CA HIS A 48 -3.64 4.07 12.19
C HIS A 48 -4.46 2.92 11.61
N THR A 49 -5.47 3.29 10.82
CA THR A 49 -6.26 2.32 10.08
C THR A 49 -5.52 1.93 8.80
N VAL A 50 -5.46 0.64 8.51
CA VAL A 50 -4.90 0.14 7.26
C VAL A 50 -5.97 -0.67 6.53
N VAL A 51 -6.25 -0.27 5.29
CA VAL A 51 -7.29 -0.86 4.45
C VAL A 51 -6.59 -1.65 3.35
N MET A 52 -7.03 -2.89 3.13
CA MET A 52 -6.39 -3.73 2.12
C MET A 52 -7.41 -4.60 1.42
N GLY A 53 -7.06 -5.01 0.20
CA GLY A 53 -7.85 -6.00 -0.50
C GLY A 53 -7.66 -7.37 0.11
N ARG A 54 -8.64 -8.26 -0.16
CA ARG A 54 -8.58 -9.59 0.41
C ARG A 54 -7.32 -10.35 -0.03
N ARG A 55 -6.87 -10.16 -1.28
CA ARG A 55 -5.68 -10.88 -1.70
C ARG A 55 -4.45 -10.40 -0.94
N THR A 56 -4.36 -9.10 -0.66
CA THR A 56 -3.25 -8.62 0.16
C THR A 56 -3.34 -9.14 1.59
N TRP A 57 -4.54 -9.22 2.16
CA TRP A 57 -4.69 -9.86 3.48
C TRP A 57 -4.15 -11.28 3.46
N ASP A 58 -4.47 -12.04 2.41
CA ASP A 58 -4.00 -13.42 2.35
C ASP A 58 -2.51 -13.49 2.10
N SER A 59 -1.89 -12.42 1.58
CA SER A 59 -0.46 -12.43 1.29
C SER A 59 0.40 -12.10 2.50
N LEU A 60 -0.21 -11.69 3.61
CA LEU A 60 0.60 -11.18 4.72
C LEU A 60 1.39 -12.29 5.39
N PRO A 61 2.63 -12.02 5.78
CA PRO A 61 3.37 -12.99 6.60
C PRO A 61 2.58 -13.29 7.87
N ALA A 62 2.72 -14.53 8.34
CA ALA A 62 1.97 -14.99 9.50
C ALA A 62 2.11 -14.03 10.67
N ALA A 63 3.33 -13.56 10.93
CA ALA A 63 3.55 -12.72 12.10
C ALA A 63 2.84 -11.38 11.98
N HIS A 64 2.39 -10.99 10.79
CA HIS A 64 1.80 -9.68 10.56
C HIS A 64 0.39 -9.79 10.00
N ARG A 65 -0.31 -10.88 10.34
CA ARG A 65 -1.68 -11.13 9.90
C ARG A 65 -2.49 -11.39 11.17
N PRO A 66 -3.12 -10.35 11.75
CA PRO A 66 -3.22 -8.95 11.32
C PRO A 66 -1.97 -8.11 11.60
N LEU A 67 -1.93 -6.93 10.98
CA LEU A 67 -0.84 -6.00 11.29
C LEU A 67 -1.01 -5.52 12.73
N PRO A 68 0.02 -5.64 13.58
CA PRO A 68 -0.15 -5.28 14.98
C PRO A 68 -0.27 -3.78 15.16
N GLY A 69 -1.06 -3.38 16.16
CA GLY A 69 -1.08 -1.97 16.54
C GLY A 69 -1.73 -1.07 15.52
N ARG A 70 -2.53 -1.64 14.63
CA ARG A 70 -3.18 -0.92 13.54
C ARG A 70 -4.59 -1.48 13.42
N ARG A 71 -5.53 -0.64 13.02
CA ARG A 71 -6.90 -1.13 12.77
C ARG A 71 -6.93 -1.71 11.36
N ASN A 72 -7.03 -3.04 11.25
CA ASN A 72 -6.98 -3.74 9.97
C ASN A 72 -8.39 -3.80 9.37
N VAL A 73 -8.51 -3.40 8.11
CA VAL A 73 -9.80 -3.48 7.40
C VAL A 73 -9.56 -4.21 6.07
N VAL A 74 -10.37 -5.22 5.79
CA VAL A 74 -10.21 -6.08 4.61
C VAL A 74 -11.44 -5.96 3.72
N VAL A 75 -11.20 -5.68 2.44
CA VAL A 75 -12.25 -5.47 1.44
C VAL A 75 -12.43 -6.75 0.63
N THR A 76 -13.67 -7.24 0.56
CA THR A 76 -13.98 -8.49 -0.13
C THR A 76 -15.40 -8.39 -0.68
N ARG A 77 -15.69 -9.19 -1.73
CA ARG A 77 -17.07 -9.40 -2.13
C ARG A 77 -17.68 -10.61 -1.47
N GLN A 78 -16.90 -11.37 -0.71
CA GLN A 78 -17.41 -12.57 -0.06
C GLN A 78 -18.26 -12.19 1.14
N THR A 79 -19.52 -12.61 1.13
CA THR A 79 -20.34 -12.42 2.29
C THR A 79 -19.98 -13.47 3.33
N GLY A 80 -19.89 -13.04 4.58
CA GLY A 80 -19.56 -13.94 5.66
C GLY A 80 -18.10 -14.34 5.77
N LEU A 81 -17.21 -13.77 4.96
CA LEU A 81 -15.79 -14.02 5.17
C LEU A 81 -15.38 -13.56 6.55
N VAL A 82 -14.59 -14.39 7.24
CA VAL A 82 -14.00 -14.02 8.52
C VAL A 82 -12.52 -13.75 8.31
N ALA A 83 -12.04 -12.62 8.80
CA ALA A 83 -10.62 -12.27 8.74
C ALA A 83 -10.20 -12.02 10.18
N HIS A 84 -9.73 -13.07 10.87
CA HIS A 84 -9.47 -12.97 12.30
CA HIS A 84 -9.51 -12.94 12.30
C HIS A 84 -8.45 -11.87 12.56
N GLY A 85 -8.82 -10.91 13.41
CA GLY A 85 -7.95 -9.79 13.69
C GLY A 85 -8.20 -8.59 12.82
N ALA A 86 -9.14 -8.68 11.88
CA ALA A 86 -9.49 -7.57 11.00
C ALA A 86 -11.00 -7.39 10.94
N GLN A 87 -11.40 -6.24 10.44
CA GLN A 87 -12.79 -5.95 10.13
C GLN A 87 -13.00 -6.17 8.65
N VAL A 88 -14.03 -6.93 8.29
CA VAL A 88 -14.33 -7.23 6.89
C VAL A 88 -15.43 -6.28 6.42
N VAL A 89 -15.20 -5.63 5.26
CA VAL A 89 -16.18 -4.76 4.63
C VAL A 89 -16.34 -5.17 3.17
N GLY A 90 -17.42 -4.69 2.55
CA GLY A 90 -17.82 -5.13 1.23
C GLY A 90 -17.49 -4.19 0.09
N SER A 91 -16.90 -3.03 0.39
CA SER A 91 -16.52 -2.07 -0.63
C SER A 91 -15.47 -1.15 -0.04
N LEU A 92 -14.73 -0.48 -0.92
CA LEU A 92 -13.77 0.49 -0.41
C LEU A 92 -14.49 1.64 0.30
N GLU A 93 -15.62 2.09 -0.24
CA GLU A 93 -16.38 3.16 0.40
C GLU A 93 -16.77 2.78 1.82
N GLN A 94 -17.22 1.54 2.03
CA GLN A 94 -17.48 1.09 3.39
C GLN A 94 -16.23 1.20 4.26
N ALA A 95 -15.07 0.84 3.71
CA ALA A 95 -13.82 0.91 4.46
C ALA A 95 -13.48 2.34 4.85
N LEU A 96 -13.93 3.33 4.08
CA LEU A 96 -13.66 4.73 4.36
C LEU A 96 -14.78 5.40 5.15
N CYS A 97 -15.78 4.63 5.57
CA CYS A 97 -16.90 5.11 6.38
C CYS A 97 -16.99 4.32 7.67
N PRO A 98 -15.94 4.31 8.49
CA PRO A 98 -15.96 3.48 9.71
C PRO A 98 -16.93 4.04 10.73
N ALA A 99 -17.50 3.14 11.54
CA ALA A 99 -18.36 3.62 12.61
C ALA A 99 -17.57 4.43 13.63
N GLU A 100 -16.28 4.12 13.79
CA GLU A 100 -15.41 4.86 14.69
C GLU A 100 -14.37 5.60 13.86
N PRO A 101 -14.52 6.92 13.65
CA PRO A 101 -13.60 7.63 12.76
C PRO A 101 -12.15 7.53 13.21
N ASP A 102 -11.25 7.58 12.23
CA ASP A 102 -9.81 7.56 12.45
C ASP A 102 -9.21 8.76 11.74
N ALA A 103 -8.33 9.47 12.44
CA ALA A 103 -7.69 10.64 11.82
C ALA A 103 -6.93 10.26 10.56
N ALA A 104 -6.29 9.10 10.55
CA ALA A 104 -5.43 8.71 9.44
C ALA A 104 -5.82 7.33 8.95
N THR A 105 -6.15 7.24 7.65
CA THR A 105 -6.47 5.97 7.01
C THR A 105 -5.53 5.76 5.84
N TRP A 106 -4.84 4.63 5.84
CA TRP A 106 -3.88 4.26 4.81
C TRP A 106 -4.40 3.07 4.02
N VAL A 107 -4.42 3.20 2.71
CA VAL A 107 -4.76 2.08 1.85
C VAL A 107 -3.44 1.40 1.48
N ILE A 108 -3.31 0.11 1.84
CA ILE A 108 -1.99 -0.54 1.78
C ILE A 108 -1.93 -1.62 0.70
N GLY A 109 -2.87 -1.65 -0.22
CA GLY A 109 -2.84 -2.51 -1.40
C GLY A 109 -4.00 -3.47 -1.45
N GLY A 110 -4.07 -4.25 -2.53
CA GLY A 110 -3.09 -4.30 -3.61
C GLY A 110 -3.54 -3.50 -4.83
N ALA A 111 -3.19 -3.97 -6.03
CA ALA A 111 -3.43 -3.17 -7.23
C ALA A 111 -4.91 -2.90 -7.44
N GLN A 112 -5.77 -3.89 -7.18
CA GLN A 112 -7.20 -3.67 -7.38
C GLN A 112 -7.71 -2.60 -6.43
N ILE A 113 -7.32 -2.68 -5.15
CA ILE A 113 -7.84 -1.76 -4.15
C ILE A 113 -7.24 -0.37 -4.35
N TYR A 114 -5.98 -0.27 -4.82
CA TYR A 114 -5.42 1.05 -5.10
C TYR A 114 -6.24 1.76 -6.16
N ALA A 115 -6.67 1.05 -7.21
CA ALA A 115 -7.42 1.71 -8.27
C ALA A 115 -8.77 2.22 -7.76
N LEU A 116 -9.41 1.47 -6.87
CA LEU A 116 -10.66 1.91 -6.27
C LEU A 116 -10.44 3.11 -5.36
N ALA A 117 -9.30 3.14 -4.66
CA ALA A 117 -9.04 4.15 -3.64
C ALA A 117 -8.53 5.47 -4.22
N LEU A 118 -7.82 5.44 -5.35
CA LEU A 118 -7.12 6.64 -5.79
C LEU A 118 -8.05 7.85 -5.98
N PRO A 119 -9.27 7.71 -6.51
CA PRO A 119 -10.15 8.89 -6.62
C PRO A 119 -10.53 9.49 -5.28
N LEU A 120 -10.43 8.73 -4.20
CA LEU A 120 -10.85 9.19 -2.88
C LEU A 120 -9.69 9.68 -2.04
N ALA A 121 -8.47 9.62 -2.56
CA ALA A 121 -7.27 9.86 -1.78
C ALA A 121 -6.74 11.25 -2.07
N ASN A 122 -6.00 11.80 -1.09
CA ASN A 122 -5.31 13.06 -1.32
C ASN A 122 -3.81 12.97 -1.11
N ARG A 123 -3.28 11.79 -0.79
CA ARG A 123 -1.86 11.62 -0.51
CA ARG A 123 -1.86 11.62 -0.49
C ARG A 123 -1.43 10.25 -1.00
N CYS A 124 -0.24 10.18 -1.60
CA CYS A 124 0.37 8.88 -1.92
C CYS A 124 1.81 8.89 -1.43
N GLU A 125 2.19 7.83 -0.71
CA GLU A 125 3.58 7.65 -0.27
C GLU A 125 4.15 6.44 -1.02
N VAL A 126 5.13 6.67 -1.87
CA VAL A 126 5.60 5.68 -2.83
C VAL A 126 7.08 5.42 -2.58
N THR A 127 7.45 4.16 -2.43
CA THR A 127 8.86 3.77 -2.46
C THR A 127 9.16 3.23 -3.84
N GLU A 128 10.20 3.79 -4.47
CA GLU A 128 10.68 3.34 -5.77
C GLU A 128 11.92 2.50 -5.57
N VAL A 129 11.94 1.31 -6.18
CA VAL A 129 12.98 0.31 -5.97
C VAL A 129 13.66 0.04 -7.31
N ASP A 130 14.96 0.30 -7.37
CA ASP A 130 15.74 0.07 -8.57
C ASP A 130 16.13 -1.40 -8.62
N VAL A 131 15.16 -2.22 -9.03
CA VAL A 131 15.38 -3.65 -9.18
C VAL A 131 14.93 -4.03 -10.59
N ASP A 132 15.74 -4.82 -11.27
CA ASP A 132 15.43 -5.16 -12.65
C ASP A 132 14.36 -6.24 -12.63
N LEU A 133 13.15 -5.85 -12.94
CA LEU A 133 11.98 -6.73 -12.88
C LEU A 133 11.16 -6.49 -14.13
N PRO A 134 11.55 -7.10 -15.24
CA PRO A 134 10.69 -7.08 -16.41
C PRO A 134 9.33 -7.64 -16.03
N PRO A 135 8.28 -6.85 -16.18
CA PRO A 135 6.96 -7.32 -15.73
C PRO A 135 6.57 -8.59 -16.47
N GLU A 136 5.87 -9.46 -15.74
CA GLU A 136 5.36 -10.73 -16.23
C GLU A 136 3.84 -10.63 -16.26
N ASP A 137 3.22 -11.55 -17.00
CA ASP A 137 1.83 -11.37 -17.39
C ASP A 137 0.86 -11.26 -16.19
N GLU A 138 1.12 -11.96 -15.10
CA GLU A 138 0.18 -11.93 -13.98
C GLU A 138 0.59 -10.95 -12.87
N ASP A 139 1.56 -10.08 -13.11
CA ASP A 139 2.01 -9.17 -12.06
C ASP A 139 0.92 -8.19 -11.65
N ALA A 140 0.96 -7.82 -10.37
CA ALA A 140 0.21 -6.66 -9.90
C ALA A 140 1.05 -5.42 -10.14
N LEU A 141 0.46 -4.41 -10.79
CA LEU A 141 1.18 -3.19 -11.14
C LEU A 141 0.70 -2.00 -10.31
N ALA A 142 1.60 -1.02 -10.14
CA ALA A 142 1.27 0.18 -9.39
C ALA A 142 0.32 1.09 -10.15
N PRO A 143 -0.46 1.90 -9.43
CA PRO A 143 -1.19 2.99 -10.10
C PRO A 143 -0.20 3.98 -10.70
N VAL A 144 -0.64 4.67 -11.74
CA VAL A 144 0.15 5.75 -12.32
C VAL A 144 -0.56 7.05 -11.97
N LEU A 145 0.16 7.98 -11.38
CA LEU A 145 -0.45 9.24 -10.96
C LEU A 145 -0.42 10.24 -12.09
N ASP A 146 -1.58 10.85 -12.36
CA ASP A 146 -1.70 11.79 -13.47
C ASP A 146 -1.35 13.21 -13.00
N GLN A 147 -1.72 14.19 -13.81
CA GLN A 147 -1.36 15.58 -13.60
C GLN A 147 -2.08 16.22 -12.42
N THR A 148 -3.08 15.56 -11.86
CA THR A 148 -3.74 16.11 -10.69
C THR A 148 -2.94 15.87 -9.41
N TRP A 149 -1.81 15.17 -9.52
CA TRP A 149 -0.91 14.87 -8.41
C TRP A 149 0.42 15.58 -8.62
N ALA A 150 1.03 16.02 -7.52
CA ALA A 150 2.37 16.56 -7.56
C ALA A 150 3.12 16.04 -6.35
N GLY A 151 4.43 15.91 -6.48
CA GLY A 151 5.17 15.28 -5.41
C GLY A 151 6.56 15.84 -5.20
N THR A 152 7.20 15.28 -4.18
CA THR A 152 8.58 15.56 -3.82
CA THR A 152 8.56 15.56 -3.77
C THR A 152 9.31 14.23 -3.66
N SER A 153 10.58 14.24 -4.02
CA SER A 153 11.38 13.01 -4.06
C SER A 153 12.55 13.10 -3.10
N GLY A 154 12.74 12.05 -2.29
CA GLY A 154 13.93 11.95 -1.49
C GLY A 154 15.12 11.53 -2.33
N GLU A 155 16.30 11.57 -1.73
CA GLU A 155 17.48 11.16 -2.48
C GLU A 155 17.49 9.64 -2.68
N TRP A 156 18.16 9.21 -3.75
CA TRP A 156 18.45 7.80 -3.91
C TRP A 156 19.39 7.33 -2.81
N LEU A 157 19.00 6.26 -2.12
CA LEU A 157 19.75 5.64 -1.05
C LEU A 157 20.04 4.20 -1.44
N VAL A 158 21.02 3.59 -0.77
CA VAL A 158 21.33 2.18 -0.98
C VAL A 158 20.94 1.41 0.27
N SER A 159 20.13 0.37 0.06
CA SER A 159 19.70 -0.50 1.13
C SER A 159 20.89 -1.28 1.71
N ARG A 160 20.79 -1.65 2.97
CA ARG A 160 21.73 -2.63 3.52
C ARG A 160 21.68 -3.94 2.74
N SER A 161 20.56 -4.21 2.04
CA SER A 161 20.33 -5.36 1.18
C SER A 161 20.97 -5.23 -0.20
N GLY A 162 21.38 -4.02 -0.57
CA GLY A 162 22.05 -3.76 -1.82
C GLY A 162 21.23 -2.97 -2.83
N LEU A 163 19.90 -2.94 -2.69
CA LEU A 163 19.07 -2.27 -3.70
C LEU A 163 19.10 -0.75 -3.51
N ARG A 164 19.18 -0.02 -4.64
CA ARG A 164 18.91 1.41 -4.61
C ARG A 164 17.42 1.64 -4.48
N TYR A 165 17.05 2.68 -3.74
CA TYR A 165 15.64 2.97 -3.50
C TYR A 165 15.51 4.44 -3.13
N ARG A 166 14.29 4.97 -3.29
CA ARG A 166 14.03 6.32 -2.82
C ARG A 166 12.54 6.45 -2.57
N MET A 167 12.20 7.41 -1.71
CA MET A 167 10.81 7.64 -1.33
C MET A 167 10.28 8.91 -2.00
N HIS A 168 9.03 8.84 -2.48
CA HIS A 168 8.32 9.96 -3.07
C HIS A 168 7.07 10.23 -2.25
N SER A 169 6.73 11.49 -2.06
CA SER A 169 5.52 11.87 -1.35
CA SER A 169 5.52 11.87 -1.35
C SER A 169 4.68 12.74 -2.28
N TYR A 170 3.46 12.29 -2.58
CA TYR A 170 2.58 13.04 -3.48
C TYR A 170 1.35 13.55 -2.75
N ARG A 171 0.85 14.69 -3.19
CA ARG A 171 -0.40 15.21 -2.70
CA ARG A 171 -0.37 15.29 -2.69
C ARG A 171 -1.22 15.72 -3.87
N ARG A 172 -2.53 15.57 -3.75
CA ARG A 172 -3.44 16.03 -4.80
CA ARG A 172 -3.42 16.02 -4.81
C ARG A 172 -3.34 17.54 -4.93
N LEU A 173 -3.22 18.01 -6.18
CA LEU A 173 -3.21 19.44 -6.44
C LEU A 173 -4.58 20.06 -6.29
#